data_9F55
#
_entry.id   9F55
#
_cell.length_a   38.005
_cell.length_b   43.915
_cell.length_c   55.917
_cell.angle_alpha   90.000
_cell.angle_beta   94.050
_cell.angle_gamma   90.000
#
_symmetry.space_group_name_H-M   'P 1 21 1'
#
loop_
_entity.id
_entity.type
_entity.pdbx_description
1 polymer 'Heterogeneous nuclear ribonucleoprotein A1, N-terminally processed'
2 non-polymer ~{N}-(3-azanyl-2-methyl-phenyl)propanamide
3 water water
#
_entity_poly.entity_id   1
_entity_poly.type   'polypeptide(L)'
_entity_poly.pdbx_seq_one_letter_code
;GPMGSKSESPKEPEQLRKLFIGGLSFETTDESLRSHFEQWGTLTDCVVMRDPNTKRSRGFGFVTYATVEEVDAAMNARPH
KVDGRVVEPKRAVSREDSQRPGAHLTVKKIFVGGIKEDTEEHHLRDYFEQYGKIEVIEIMTDRGSGKKRGFAFVTFDDHD
SVDKIVIQKYHTVNGHNCEVRKALSKQEMASASSSQRG
;
_entity_poly.pdbx_strand_id   A
#
# COMPACT_ATOMS: atom_id res chain seq x y z
N PRO A 10 -22.20 0.53 7.16
CA PRO A 10 -20.84 0.82 7.62
C PRO A 10 -19.84 0.76 6.47
N LYS A 11 -19.73 1.85 5.73
CA LYS A 11 -18.81 1.93 4.61
C LYS A 11 -17.44 2.32 5.13
N GLU A 12 -16.39 1.68 4.60
CA GLU A 12 -15.04 2.08 4.95
C GLU A 12 -14.84 3.55 4.57
N PRO A 13 -14.03 4.29 5.32
CA PRO A 13 -13.74 5.69 4.95
C PRO A 13 -13.27 5.79 3.50
N GLU A 14 -13.81 6.78 2.80
CA GLU A 14 -13.52 6.94 1.38
C GLU A 14 -12.03 7.07 1.10
N GLN A 15 -11.28 7.75 1.98
CA GLN A 15 -9.85 7.89 1.76
C GLN A 15 -9.14 6.56 1.62
N LEU A 16 -9.62 5.53 2.32
CA LEU A 16 -9.00 4.21 2.26
C LEU A 16 -9.47 3.39 1.08
N ARG A 17 -10.36 3.93 0.26
CA ARG A 17 -10.88 3.25 -0.92
C ARG A 17 -10.35 3.86 -2.22
N LYS A 18 -9.43 4.80 -2.09
CA LYS A 18 -8.95 5.52 -3.28
C LYS A 18 -7.60 5.01 -3.75
N LEU A 19 -7.43 5.02 -5.06
CA LEU A 19 -6.09 4.70 -5.58
C LEU A 19 -5.63 5.88 -6.44
N PHE A 20 -4.47 6.42 -6.12
N PHE A 20 -4.46 6.41 -6.13
CA PHE A 20 -3.90 7.48 -6.98
CA PHE A 20 -3.91 7.49 -6.98
C PHE A 20 -3.18 6.76 -8.10
C PHE A 20 -3.14 6.79 -8.10
N ILE A 21 -3.46 7.14 -9.35
CA ILE A 21 -2.83 6.46 -10.51
C ILE A 21 -1.88 7.43 -11.21
N GLY A 22 -0.59 7.19 -11.06
CA GLY A 22 0.40 8.03 -11.74
C GLY A 22 0.89 7.36 -13.01
N GLY A 23 1.54 8.15 -13.84
CA GLY A 23 2.11 7.61 -15.07
C GLY A 23 1.09 7.37 -16.17
N LEU A 24 -0.02 8.09 -16.14
CA LEU A 24 -1.02 7.86 -17.17
C LEU A 24 -0.53 8.29 -18.54
N SER A 25 -0.99 7.57 -19.55
CA SER A 25 -0.97 8.12 -20.89
C SER A 25 -1.80 9.42 -20.93
N PHE A 26 -1.27 10.43 -21.61
CA PHE A 26 -2.06 11.64 -21.78
C PHE A 26 -3.35 11.39 -22.56
N GLU A 27 -3.46 10.25 -23.25
CA GLU A 27 -4.67 9.88 -23.97
C GLU A 27 -5.74 9.30 -23.04
N THR A 28 -5.39 8.89 -21.83
CA THR A 28 -6.36 8.29 -20.94
C THR A 28 -7.40 9.33 -20.51
N THR A 29 -8.66 8.89 -20.49
CA THR A 29 -9.79 9.73 -20.14
C THR A 29 -10.47 9.16 -18.90
N ASP A 30 -11.37 9.95 -18.31
CA ASP A 30 -12.22 9.43 -17.24
C ASP A 30 -12.82 8.10 -17.64
N GLU A 31 -13.30 8.03 -18.89
CA GLU A 31 -14.02 6.84 -19.33
C GLU A 31 -13.08 5.65 -19.52
N SER A 32 -11.89 5.87 -20.10
CA SER A 32 -11.00 4.73 -20.32
C SER A 32 -10.32 4.29 -19.03
N LEU A 33 -10.05 5.22 -18.12
CA LEU A 33 -9.54 4.83 -16.80
C LEU A 33 -10.58 4.01 -16.06
N ARG A 34 -11.85 4.43 -16.14
CA ARG A 34 -12.93 3.70 -15.49
C ARG A 34 -13.10 2.31 -16.08
N SER A 35 -13.18 2.22 -17.42
CA SER A 35 -13.36 0.91 -18.05
C SER A 35 -12.25 -0.04 -17.64
N HIS A 36 -11.03 0.46 -17.50
CA HIS A 36 -9.93 -0.40 -17.07
C HIS A 36 -10.13 -0.86 -15.63
N PHE A 37 -10.28 0.08 -14.70
CA PHE A 37 -10.24 -0.31 -13.29
C PHE A 37 -11.55 -0.90 -12.79
N GLU A 38 -12.66 -0.78 -13.54
CA GLU A 38 -13.88 -1.48 -13.14
C GLU A 38 -13.73 -2.99 -13.24
N GLN A 39 -12.66 -3.48 -13.85
CA GLN A 39 -12.44 -4.92 -13.85
C GLN A 39 -12.25 -5.48 -12.45
N TRP A 40 -11.83 -4.66 -11.48
CA TRP A 40 -11.54 -5.19 -10.14
C TRP A 40 -12.50 -4.68 -9.07
N GLY A 41 -13.54 -3.96 -9.45
CA GLY A 41 -14.57 -3.62 -8.48
C GLY A 41 -15.43 -2.47 -8.95
N THR A 42 -16.41 -2.15 -8.12
CA THR A 42 -17.31 -1.03 -8.39
C THR A 42 -16.59 0.28 -8.13
N LEU A 43 -16.58 1.17 -9.11
CA LEU A 43 -15.94 2.49 -8.95
C LEU A 43 -16.99 3.54 -8.66
N THR A 44 -16.89 4.16 -7.49
CA THR A 44 -17.78 5.27 -7.15
C THR A 44 -17.29 6.61 -7.70
N ASP A 45 -16.03 6.62 -8.09
CA ASP A 45 -15.42 7.84 -8.65
C ASP A 45 -14.22 7.45 -9.51
N CYS A 46 -13.95 8.25 -10.54
CA CYS A 46 -12.84 7.98 -11.48
C CYS A 46 -12.56 9.28 -12.22
N VAL A 47 -11.40 9.87 -11.97
N VAL A 47 -11.39 9.87 -11.97
CA VAL A 47 -11.09 11.19 -12.59
CA VAL A 47 -11.09 11.18 -12.58
C VAL A 47 -9.67 11.27 -13.12
C VAL A 47 -9.67 11.27 -13.12
N VAL A 48 -9.50 11.85 -14.31
CA VAL A 48 -8.14 12.06 -14.86
C VAL A 48 -7.91 13.56 -14.56
N MET A 49 -6.79 13.88 -13.93
CA MET A 49 -6.52 15.30 -13.63
C MET A 49 -6.05 16.01 -14.91
N ARG A 50 -6.62 17.19 -15.14
CA ARG A 50 -6.30 17.95 -16.35
C ARG A 50 -5.97 19.40 -16.00
N ASP A 51 -5.26 20.04 -16.93
CA ASP A 51 -4.98 21.45 -16.81
C ASP A 51 -6.29 22.24 -16.91
N PRO A 52 -6.50 23.24 -16.06
CA PRO A 52 -7.78 23.98 -16.10
C PRO A 52 -7.97 24.79 -17.37
N ASN A 53 -6.90 25.19 -18.05
CA ASN A 53 -7.02 26.01 -19.25
C ASN A 53 -6.92 25.20 -20.54
N THR A 54 -5.94 24.31 -20.65
CA THR A 54 -5.74 23.58 -21.88
C THR A 54 -6.56 22.30 -21.96
N LYS A 55 -7.01 21.78 -20.82
CA LYS A 55 -7.63 20.47 -20.68
C LYS A 55 -6.68 19.32 -21.01
N ARG A 56 -5.40 19.61 -21.22
CA ARG A 56 -4.43 18.55 -21.42
C ARG A 56 -4.21 17.80 -20.12
N SER A 57 -4.15 16.47 -20.24
CA SER A 57 -3.94 15.61 -19.08
C SER A 57 -2.70 16.01 -18.31
N ARG A 58 -2.79 15.93 -16.98
CA ARG A 58 -1.64 16.07 -16.10
C ARG A 58 -0.91 14.75 -15.89
N GLY A 59 -1.39 13.67 -16.50
CA GLY A 59 -0.67 12.41 -16.41
C GLY A 59 -0.94 11.61 -15.17
N PHE A 60 -1.95 11.99 -14.41
CA PHE A 60 -2.34 11.20 -13.22
C PHE A 60 -3.82 11.42 -12.97
N GLY A 61 -4.34 10.58 -12.08
CA GLY A 61 -5.75 10.63 -11.78
C GLY A 61 -5.99 9.73 -10.61
N PHE A 62 -7.27 9.53 -10.26
N PHE A 62 -7.27 9.53 -10.26
CA PHE A 62 -7.59 8.68 -9.09
CA PHE A 62 -7.60 8.69 -9.08
C PHE A 62 -8.87 7.90 -9.35
C PHE A 62 -8.86 7.90 -9.34
N VAL A 63 -8.99 6.76 -8.67
CA VAL A 63 -10.22 5.94 -8.80
C VAL A 63 -10.64 5.66 -7.35
N THR A 64 -11.94 5.61 -7.11
CA THR A 64 -12.46 5.24 -5.78
C THR A 64 -13.31 4.00 -5.91
N TYR A 65 -12.93 2.95 -5.19
CA TYR A 65 -13.70 1.73 -5.16
C TYR A 65 -14.76 1.78 -4.07
N ALA A 66 -15.72 0.86 -4.16
CA ALA A 66 -16.77 0.79 -3.14
C ALA A 66 -16.27 0.17 -1.84
N THR A 67 -15.24 -0.67 -1.90
CA THR A 67 -14.73 -1.33 -0.70
C THR A 67 -13.21 -1.42 -0.73
N VAL A 68 -12.62 -1.57 0.45
CA VAL A 68 -11.18 -1.77 0.56
C VAL A 68 -10.75 -3.08 -0.10
N GLU A 69 -11.56 -4.14 0.03
CA GLU A 69 -11.22 -5.39 -0.64
C GLU A 69 -11.01 -5.19 -2.13
N GLU A 70 -11.80 -4.30 -2.74
CA GLU A 70 -11.64 -4.00 -4.16
C GLU A 70 -10.32 -3.28 -4.44
N VAL A 71 -9.91 -2.38 -3.54
CA VAL A 71 -8.59 -1.76 -3.68
C VAL A 71 -7.51 -2.83 -3.70
N ASP A 72 -7.60 -3.78 -2.76
CA ASP A 72 -6.65 -4.88 -2.73
C ASP A 72 -6.66 -5.64 -4.05
N ALA A 73 -7.84 -5.91 -4.59
CA ALA A 73 -7.92 -6.66 -5.85
C ALA A 73 -7.20 -5.91 -6.96
N ALA A 74 -7.41 -4.59 -7.02
CA ALA A 74 -6.75 -3.82 -8.05
C ALA A 74 -5.23 -3.82 -7.85
N MET A 75 -4.76 -3.60 -6.62
CA MET A 75 -3.32 -3.65 -6.37
C MET A 75 -2.74 -5.02 -6.66
N ASN A 76 -3.49 -6.10 -6.38
CA ASN A 76 -2.94 -7.42 -6.64
C ASN A 76 -2.91 -7.76 -8.12
N ALA A 77 -3.60 -6.98 -8.96
CA ALA A 77 -3.59 -7.17 -10.40
C ALA A 77 -2.55 -6.33 -11.13
N ARG A 78 -1.72 -5.58 -10.40
CA ARG A 78 -0.57 -4.93 -11.02
C ARG A 78 0.34 -5.98 -11.66
N PRO A 79 1.09 -5.62 -12.68
CA PRO A 79 1.16 -4.29 -13.32
C PRO A 79 -0.06 -4.00 -14.15
N HIS A 80 -0.53 -2.75 -14.08
CA HIS A 80 -1.63 -2.27 -14.90
C HIS A 80 -1.12 -1.52 -16.11
N LYS A 81 -1.46 -2.00 -17.29
CA LYS A 81 -1.19 -1.31 -18.54
C LYS A 81 -2.50 -0.68 -18.99
N VAL A 82 -2.57 0.65 -18.94
CA VAL A 82 -3.81 1.38 -19.21
C VAL A 82 -3.57 2.20 -20.46
N ASP A 83 -4.37 1.93 -21.50
CA ASP A 83 -4.21 2.65 -22.76
C ASP A 83 -2.76 2.58 -23.25
N GLY A 84 -2.13 1.42 -23.05
CA GLY A 84 -0.83 1.14 -23.63
C GLY A 84 0.35 1.46 -22.76
N ARG A 85 0.13 2.00 -21.56
CA ARG A 85 1.21 2.49 -20.71
C ARG A 85 1.09 1.86 -19.34
N VAL A 86 2.20 1.37 -18.79
CA VAL A 86 2.16 0.82 -17.44
C VAL A 86 2.06 1.99 -16.46
N VAL A 87 1.04 1.96 -15.62
CA VAL A 87 0.78 3.06 -14.69
C VAL A 87 1.25 2.68 -13.30
N GLU A 88 1.16 3.62 -12.36
CA GLU A 88 1.67 3.44 -10.99
C GLU A 88 0.56 3.73 -9.99
N PRO A 89 -0.20 2.72 -9.58
CA PRO A 89 -1.25 2.95 -8.57
C PRO A 89 -0.65 2.92 -7.18
N LYS A 90 -1.15 3.81 -6.34
CA LYS A 90 -0.73 3.81 -4.93
C LYS A 90 -1.95 4.22 -4.07
N ARG A 91 -2.06 3.62 -2.91
CA ARG A 91 -3.13 4.04 -1.99
C ARG A 91 -2.87 5.51 -1.57
N ALA A 92 -3.96 6.17 -1.21
CA ALA A 92 -3.89 7.59 -0.84
C ALA A 92 -3.08 7.76 0.44
N VAL A 93 -2.58 8.97 0.66
CA VAL A 93 -1.69 9.26 1.82
C VAL A 93 -2.41 9.12 3.17
N SER A 94 -1.68 8.67 4.19
CA SER A 94 -2.21 8.56 5.57
C SER A 94 -1.55 9.61 6.47
N HIS A 104 3.11 10.90 -0.95
CA HIS A 104 3.22 9.49 -0.57
C HIS A 104 4.68 9.14 -0.27
N LEU A 105 4.92 8.60 0.92
CA LEU A 105 6.27 8.16 1.32
C LEU A 105 6.36 6.68 0.95
N THR A 106 6.89 6.40 -0.23
CA THR A 106 6.80 5.06 -0.83
C THR A 106 8.00 4.23 -0.43
N VAL A 107 7.82 3.32 0.54
CA VAL A 107 8.92 2.50 1.03
C VAL A 107 8.46 1.05 1.15
N LYS A 108 9.45 0.16 1.25
CA LYS A 108 9.19 -1.27 1.32
C LYS A 108 9.54 -1.86 2.68
N LYS A 109 9.86 -1.03 3.67
CA LYS A 109 10.39 -1.52 4.93
C LYS A 109 9.61 -0.90 6.09
N ILE A 110 9.36 -1.72 7.11
CA ILE A 110 8.68 -1.27 8.32
C ILE A 110 9.54 -1.51 9.54
N PHE A 111 9.38 -0.61 10.50
CA PHE A 111 9.78 -0.81 11.88
C PHE A 111 8.64 -1.45 12.65
N VAL A 112 8.96 -2.46 13.45
CA VAL A 112 8.02 -3.18 14.31
C VAL A 112 8.55 -3.08 15.73
N GLY A 113 7.86 -2.33 16.58
CA GLY A 113 8.30 -2.15 17.95
C GLY A 113 7.38 -2.78 18.97
N GLY A 114 7.89 -3.01 20.17
CA GLY A 114 7.10 -3.59 21.23
C GLY A 114 7.01 -5.10 21.21
N ILE A 115 7.93 -5.78 20.51
CA ILE A 115 7.88 -7.23 20.41
C ILE A 115 8.65 -7.89 21.55
N LYS A 116 9.29 -7.12 22.42
CA LYS A 116 9.95 -7.61 23.62
C LYS A 116 11.03 -8.63 23.29
N GLU A 117 11.40 -9.47 24.25
CA GLU A 117 12.52 -10.39 24.06
C GLU A 117 12.12 -11.76 23.55
N ASP A 118 10.82 -12.09 23.52
CA ASP A 118 10.39 -13.44 23.20
C ASP A 118 9.80 -13.61 21.80
N THR A 119 9.81 -12.56 20.99
CA THR A 119 9.28 -12.64 19.63
C THR A 119 10.40 -13.08 18.68
N GLU A 120 10.12 -14.10 17.87
CA GLU A 120 11.08 -14.72 16.97
C GLU A 120 10.68 -14.47 15.52
N GLU A 121 11.57 -14.91 14.61
CA GLU A 121 11.38 -14.64 13.19
C GLU A 121 10.06 -15.19 12.68
N HIS A 122 9.70 -16.41 13.09
CA HIS A 122 8.51 -17.05 12.54
C HIS A 122 7.23 -16.36 12.96
N HIS A 123 7.20 -15.75 14.16
CA HIS A 123 6.04 -14.96 14.55
C HIS A 123 5.82 -13.80 13.60
N LEU A 124 6.90 -13.06 13.32
CA LEU A 124 6.81 -11.92 12.41
C LEU A 124 6.48 -12.37 11.01
N ARG A 125 7.11 -13.47 10.55
CA ARG A 125 6.86 -13.94 9.20
C ARG A 125 5.43 -14.41 9.01
N ASP A 126 4.93 -15.25 9.94
CA ASP A 126 3.59 -15.80 9.77
C ASP A 126 2.54 -14.71 9.72
N TYR A 127 2.76 -13.63 10.46
CA TYR A 127 1.82 -12.50 10.46
C TYR A 127 1.99 -11.64 9.22
N PHE A 128 3.20 -11.13 9.00
CA PHE A 128 3.36 -10.13 7.95
C PHE A 128 3.35 -10.71 6.54
N GLU A 129 3.56 -12.02 6.38
CA GLU A 129 3.52 -12.60 5.05
C GLU A 129 2.15 -12.49 4.40
N GLN A 130 1.11 -12.25 5.19
CA GLN A 130 -0.22 -12.07 4.64
C GLN A 130 -0.47 -10.66 4.14
N TYR A 131 0.48 -9.74 4.36
CA TYR A 131 0.46 -8.40 3.78
C TYR A 131 1.27 -8.29 2.50
N GLY A 132 2.28 -9.13 2.34
CA GLY A 132 3.08 -9.08 1.12
C GLY A 132 4.21 -10.06 1.23
N LYS A 133 5.02 -10.07 0.19
CA LYS A 133 6.13 -11.02 0.10
C LYS A 133 7.33 -10.47 0.84
N ILE A 134 7.78 -11.19 1.86
CA ILE A 134 8.87 -10.75 2.72
C ILE A 134 10.21 -11.12 2.10
N GLU A 135 11.12 -10.14 2.09
CA GLU A 135 12.49 -10.41 1.68
C GLU A 135 13.49 -10.44 2.83
N VAL A 136 13.30 -9.64 3.86
CA VAL A 136 14.24 -9.57 4.98
C VAL A 136 13.46 -9.40 6.27
N ILE A 137 13.82 -10.17 7.29
CA ILE A 137 13.37 -9.94 8.65
C ILE A 137 14.62 -9.74 9.50
N GLU A 138 14.69 -8.61 10.18
CA GLU A 138 15.85 -8.25 11.00
C GLU A 138 15.38 -8.00 12.42
N ILE A 139 15.58 -8.99 13.29
CA ILE A 139 15.28 -8.85 14.72
C ILE A 139 16.50 -8.22 15.38
N MET A 140 16.29 -7.06 16.01
CA MET A 140 17.41 -6.25 16.46
C MET A 140 17.92 -6.76 17.81
N THR A 141 19.24 -6.82 17.92
CA THR A 141 19.90 -7.28 19.13
C THR A 141 20.92 -6.24 19.57
N ASP A 142 21.26 -6.30 20.85
CA ASP A 142 22.17 -5.32 21.42
C ASP A 142 23.59 -5.57 20.95
N ARG A 143 24.25 -4.49 20.51
CA ARG A 143 25.60 -4.56 19.95
C ARG A 143 26.60 -5.14 20.93
N GLY A 144 26.38 -4.90 22.22
CA GLY A 144 27.31 -5.34 23.25
C GLY A 144 26.98 -6.72 23.81
N SER A 145 25.71 -6.96 24.13
CA SER A 145 25.33 -8.18 24.84
C SER A 145 24.69 -9.24 23.97
N GLY A 146 24.21 -8.88 22.78
CA GLY A 146 23.47 -9.81 21.96
C GLY A 146 22.03 -10.01 22.36
N LYS A 147 21.57 -9.36 23.43
CA LYS A 147 20.18 -9.53 23.85
C LYS A 147 19.23 -8.84 22.87
N LYS A 148 18.05 -9.43 22.72
CA LYS A 148 17.04 -8.81 21.87
C LYS A 148 16.63 -7.46 22.43
N ARG A 149 16.49 -6.48 21.54
CA ARG A 149 16.13 -5.14 21.98
C ARG A 149 14.64 -4.87 21.94
N GLY A 150 13.84 -5.77 21.37
CA GLY A 150 12.40 -5.58 21.36
C GLY A 150 11.85 -4.87 20.15
N PHE A 151 12.59 -4.83 19.05
CA PHE A 151 12.04 -4.31 17.81
C PHE A 151 12.73 -5.00 16.63
N ALA A 152 12.12 -4.82 15.46
CA ALA A 152 12.56 -5.52 14.27
C ALA A 152 12.25 -4.66 13.05
N PHE A 153 12.87 -5.03 11.94
CA PHE A 153 12.54 -4.45 10.64
C PHE A 153 12.15 -5.56 9.69
N VAL A 154 11.11 -5.30 8.90
CA VAL A 154 10.65 -6.24 7.87
C VAL A 154 10.68 -5.50 6.54
N THR A 155 11.35 -6.10 5.56
CA THR A 155 11.44 -5.58 4.20
C THR A 155 10.64 -6.48 3.27
N PHE A 156 9.74 -5.87 2.50
CA PHE A 156 8.92 -6.55 1.51
C PHE A 156 9.44 -6.28 0.10
N ASP A 157 8.90 -7.02 -0.87
CA ASP A 157 9.30 -6.79 -2.25
C ASP A 157 8.56 -5.64 -2.92
N ASP A 158 7.65 -4.98 -2.20
CA ASP A 158 6.78 -3.98 -2.83
C ASP A 158 6.15 -3.12 -1.74
N HIS A 159 5.84 -1.88 -2.11
CA HIS A 159 5.38 -0.87 -1.15
C HIS A 159 3.93 -1.08 -0.70
N ASP A 160 3.08 -1.77 -1.48
CA ASP A 160 1.68 -1.81 -1.08
C ASP A 160 1.49 -2.56 0.22
N SER A 161 2.30 -3.59 0.45
N SER A 161 2.32 -3.58 0.47
CA SER A 161 2.30 -4.28 1.74
CA SER A 161 2.28 -4.28 1.74
C SER A 161 2.43 -3.29 2.89
C SER A 161 2.44 -3.31 2.91
N VAL A 162 3.45 -2.43 2.82
CA VAL A 162 3.68 -1.44 3.86
C VAL A 162 2.50 -0.49 3.97
N ASP A 163 1.95 -0.05 2.83
CA ASP A 163 0.84 0.89 2.86
C ASP A 163 -0.38 0.28 3.53
N LYS A 164 -0.65 -1.00 3.28
CA LYS A 164 -1.73 -1.68 3.99
C LYS A 164 -1.45 -1.78 5.49
N ILE A 165 -0.21 -2.06 5.84
CA ILE A 165 0.14 -2.29 7.23
C ILE A 165 -0.04 -1.03 8.05
N VAL A 166 0.46 0.10 7.55
CA VAL A 166 0.54 1.27 8.43
C VAL A 166 -0.80 1.98 8.61
N ILE A 167 -1.80 1.66 7.78
CA ILE A 167 -3.11 2.26 8.00
C ILE A 167 -3.96 1.47 8.99
N GLN A 168 -3.56 0.26 9.37
CA GLN A 168 -4.27 -0.46 10.42
C GLN A 168 -4.08 0.25 11.75
N LYS A 169 -5.15 0.30 12.56
CA LYS A 169 -5.03 0.86 13.91
C LYS A 169 -4.18 -0.02 14.83
N TYR A 170 -4.23 -1.35 14.65
CA TYR A 170 -3.65 -2.30 15.59
C TYR A 170 -2.85 -3.36 14.85
N HIS A 171 -1.76 -3.81 15.48
CA HIS A 171 -1.06 -5.01 15.05
C HIS A 171 -0.74 -5.86 16.26
N THR A 172 -1.18 -7.11 16.23
CA THR A 172 -0.98 -8.06 17.31
C THR A 172 -0.10 -9.18 16.80
N VAL A 173 1.09 -9.32 17.37
CA VAL A 173 2.05 -10.34 16.97
C VAL A 173 2.62 -10.97 18.23
N ASN A 174 2.53 -12.29 18.34
CA ASN A 174 3.07 -13.00 19.50
C ASN A 174 2.45 -12.48 20.80
N GLY A 175 1.15 -12.17 20.74
CA GLY A 175 0.43 -11.62 21.86
C GLY A 175 0.74 -10.18 22.18
N HIS A 176 1.72 -9.57 21.54
CA HIS A 176 2.11 -8.20 21.82
C HIS A 176 1.33 -7.24 20.92
N ASN A 177 0.94 -6.11 21.49
CA ASN A 177 0.38 -4.98 20.75
C ASN A 177 1.54 -4.16 20.21
N CYS A 178 1.76 -4.20 18.90
CA CYS A 178 2.97 -3.67 18.31
C CYS A 178 2.78 -2.27 17.73
N GLU A 179 3.85 -1.49 17.73
CA GLU A 179 3.91 -0.21 17.05
C GLU A 179 4.60 -0.43 15.71
N VAL A 180 3.94 -0.08 14.63
CA VAL A 180 4.48 -0.32 13.29
C VAL A 180 4.48 0.99 12.52
N ARG A 181 5.61 1.31 11.90
CA ARG A 181 5.70 2.51 11.10
C ARG A 181 6.61 2.25 9.91
N LYS A 182 6.51 3.14 8.92
CA LYS A 182 7.41 3.09 7.78
C LYS A 182 8.85 3.34 8.24
N ALA A 183 9.79 2.61 7.64
CA ALA A 183 11.22 2.72 7.95
C ALA A 183 11.97 3.26 6.75
N LEU A 184 12.81 4.28 6.99
CA LEU A 184 13.64 4.97 5.97
C LEU A 184 12.94 5.15 4.62
#